data_4WEK
#
_entry.id   4WEK
#
_cell.length_a   68.924
_cell.length_b   83.232
_cell.length_c   89.896
_cell.angle_alpha   90.00
_cell.angle_beta   90.00
_cell.angle_gamma   90.00
#
_symmetry.space_group_name_H-M   'P 21 21 21'
#
loop_
_entity.id
_entity.type
_entity.pdbx_description
1 polymer 'Penicillin-binding protein 3'
2 non-polymer '(3S,4S,7Z)-7-(2-amino-1,3-thiazol-4-yl)-3-ethenyl-4-formyl-1-[({3-(5-hydroxy-4-oxo-3,4-dihydropyridin-2-yl)-4-[3-(methylsulfonyl)propyl]-5-oxo-4,5-dihydro-1H-1,2,4-triazol-1-yl}sulfonyl)amino]-10,10-dimethyl-1,6-dioxo-9-oxa-2,5,8-triazaundec-7-en-11-oic acid'
3 water water
#
_entity_poly.entity_id   1
_entity_poly.type   'polypeptide(L)'
_entity_poly.pdbx_seq_one_letter_code
;MGHHHHHHSRSVRHIAIPAHRGLITDRNGEPLAVSTPVTTLWANPKELMTAKERWPQLAAALGQDTKLFADRIEQNAERE
FIYLVRGLTPEQGEGVIALKVPGVYSIEEFRRFYPAGEVVAHAVGFTDVDDRGREGIELAFDEWLAGVPGKRQVLKDRRG
RVIKDVQVTKNAKPGKTLALSIDLRLQYLAHRELRNALLENGAKAGSLVIMDVKTGEILAMTNQPTYNPNNRRNLQPAAM
RNRAMIDVFEPGSTVKPFSMSAALASGRWKPSDIVDVYPGTLQIGRYTIRDVSRNSRQLDLTGILIKSSNVGISKIAFDI
GAESIYSVMQQVGLGQDTGLGFPGERVGNLPNHRKWPKAETATLAYGYGLSVTAIQLAHAYAALANDGKSVPLSMTRVDR
VPDGVQVISPEVASTVQGMLQQVVEAQGGVFRAQVPGYHAAGKSGTARKVSVGTKGYRENAYRSLFAGFAPATDPRIAMV
VVIDEPSKAGYFGGLVSAPVFSKVMAGALRLMNVPPDNLPTATEQQQVNAAPAKGGRG
;
_entity_poly.pdbx_strand_id   A
#
# COMPACT_ATOMS: atom_id res chain seq x y z
N ARG A 10 15.43 2.08 -51.55
CA ARG A 10 15.59 0.80 -50.85
C ARG A 10 16.63 0.92 -49.75
N SER A 11 16.32 0.37 -48.55
CA SER A 11 17.22 0.42 -47.39
C SER A 11 17.08 -0.80 -46.47
N VAL A 12 18.20 -1.43 -46.10
CA VAL A 12 18.24 -2.57 -45.18
C VAL A 12 18.27 -1.97 -43.78
N ARG A 13 17.31 -2.37 -42.93
CA ARG A 13 17.18 -1.80 -41.59
C ARG A 13 16.88 -2.85 -40.53
N HIS A 14 17.17 -2.52 -39.26
CA HIS A 14 16.91 -3.40 -38.13
C HIS A 14 15.86 -2.72 -37.27
N ILE A 15 14.75 -3.43 -37.01
CA ILE A 15 13.64 -2.90 -36.21
C ILE A 15 13.39 -3.78 -34.98
N ALA A 16 12.82 -3.19 -33.93
CA ALA A 16 12.57 -3.89 -32.68
C ALA A 16 11.40 -4.86 -32.75
N ILE A 17 11.42 -5.87 -31.87
CA ILE A 17 10.32 -6.82 -31.73
C ILE A 17 9.89 -6.60 -30.28
N PRO A 18 8.70 -6.02 -29.99
CA PRO A 18 8.33 -5.82 -28.58
C PRO A 18 8.20 -7.16 -27.84
N ALA A 19 8.53 -7.15 -26.54
CA ALA A 19 8.47 -8.30 -25.63
C ALA A 19 7.13 -8.30 -24.85
N HIS A 20 6.60 -9.50 -24.52
CA HIS A 20 5.34 -9.67 -23.76
C HIS A 20 5.62 -9.43 -22.27
N ARG A 21 4.97 -8.42 -21.67
CA ARG A 21 5.16 -8.06 -20.25
C ARG A 21 4.61 -9.17 -19.35
N GLY A 22 5.40 -9.56 -18.33
CA GLY A 22 5.03 -10.63 -17.43
C GLY A 22 3.77 -10.36 -16.64
N LEU A 23 3.05 -11.43 -16.36
CA LEU A 23 1.79 -11.41 -15.62
C LEU A 23 2.05 -11.11 -14.13
N ILE A 24 1.23 -10.24 -13.51
CA ILE A 24 1.28 -10.03 -12.05
C ILE A 24 0.08 -10.79 -11.49
N THR A 25 0.33 -11.66 -10.48
CA THR A 25 -0.78 -12.36 -9.84
C THR A 25 -0.77 -12.04 -8.35
N ASP A 26 -1.82 -12.44 -7.64
CA ASP A 26 -1.81 -12.41 -6.19
C ASP A 26 -1.01 -13.65 -5.72
N ARG A 27 -0.99 -13.92 -4.42
CA ARG A 27 -0.20 -15.04 -3.90
C ARG A 27 -0.69 -16.44 -4.34
N ASN A 28 -1.95 -16.55 -4.77
CA ASN A 28 -2.58 -17.82 -5.17
C ASN A 28 -2.76 -17.94 -6.68
N GLY A 29 -2.13 -17.03 -7.45
CA GLY A 29 -2.23 -17.07 -8.90
C GLY A 29 -3.39 -16.29 -9.51
N GLU A 30 -4.20 -15.57 -8.69
CA GLU A 30 -5.29 -14.76 -9.25
C GLU A 30 -4.72 -13.58 -10.07
N PRO A 31 -5.18 -13.36 -11.32
CA PRO A 31 -4.57 -12.30 -12.12
C PRO A 31 -4.84 -10.89 -11.62
N LEU A 32 -3.78 -10.07 -11.54
CA LEU A 32 -3.92 -8.68 -11.11
C LEU A 32 -3.50 -7.71 -12.22
N ALA A 33 -2.57 -8.10 -13.07
CA ALA A 33 -2.16 -7.23 -14.19
C ALA A 33 -1.82 -8.15 -15.35
N VAL A 34 -2.59 -8.05 -16.44
CA VAL A 34 -2.45 -8.98 -17.57
C VAL A 34 -2.17 -8.22 -18.87
N SER A 35 -1.17 -8.69 -19.67
CA SER A 35 -0.86 -8.12 -20.99
C SER A 35 -1.83 -8.75 -21.97
N THR A 36 -2.72 -7.94 -22.52
CA THR A 36 -3.81 -8.37 -23.40
C THR A 36 -3.65 -7.80 -24.81
N PRO A 37 -3.98 -8.58 -25.86
CA PRO A 37 -3.87 -8.06 -27.23
C PRO A 37 -4.91 -6.98 -27.50
N VAL A 38 -4.44 -5.85 -28.01
CA VAL A 38 -5.27 -4.73 -28.44
C VAL A 38 -4.93 -4.46 -29.91
N THR A 39 -5.93 -4.15 -30.73
CA THR A 39 -5.71 -3.87 -32.15
C THR A 39 -5.40 -2.39 -32.31
N THR A 40 -4.23 -2.08 -32.85
CA THR A 40 -3.76 -0.72 -33.11
C THR A 40 -3.77 -0.45 -34.63
N LEU A 41 -4.26 0.72 -35.03
CA LEU A 41 -4.23 1.13 -36.43
C LEU A 41 -3.22 2.23 -36.54
N TRP A 42 -2.28 2.08 -37.47
CA TRP A 42 -1.25 3.08 -37.72
C TRP A 42 -1.15 3.35 -39.22
N ALA A 43 -0.48 4.44 -39.57
CA ALA A 43 -0.34 4.82 -40.95
C ALA A 43 1.00 5.44 -41.25
N ASN A 44 1.42 5.30 -42.49
CA ASN A 44 2.63 5.89 -43.00
C ASN A 44 2.20 7.11 -43.85
N PRO A 45 2.37 8.36 -43.35
CA PRO A 45 1.94 9.54 -44.12
C PRO A 45 2.51 9.66 -45.52
N LYS A 46 3.74 9.15 -45.73
CA LYS A 46 4.39 9.16 -47.06
C LYS A 46 3.61 8.31 -48.06
N GLU A 47 3.11 7.12 -47.64
CA GLU A 47 2.29 6.25 -48.50
C GLU A 47 0.88 6.89 -48.70
N LEU A 48 0.30 7.48 -47.61
CA LEU A 48 -1.03 8.13 -47.68
C LEU A 48 -1.16 9.21 -48.77
N MET A 49 -0.06 9.96 -49.03
CA MET A 49 -0.02 11.05 -50.03
C MET A 49 -0.39 10.62 -51.47
N THR A 50 -0.23 9.31 -51.78
CA THR A 50 -0.55 8.78 -53.10
C THR A 50 -2.03 8.37 -53.22
N ALA A 51 -2.78 8.40 -52.10
CA ALA A 51 -4.17 7.95 -52.10
C ALA A 51 -5.13 8.95 -51.45
N LYS A 52 -5.01 10.24 -51.80
CA LYS A 52 -5.86 11.31 -51.21
C LYS A 52 -7.36 11.06 -51.33
N GLU A 53 -7.80 10.44 -52.44
CA GLU A 53 -9.23 10.16 -52.67
C GLU A 53 -9.80 9.23 -51.60
N ARG A 54 -8.94 8.43 -50.93
CA ARG A 54 -9.38 7.53 -49.88
C ARG A 54 -9.47 8.20 -48.52
N TRP A 55 -8.82 9.39 -48.36
CA TRP A 55 -8.73 10.01 -47.03
C TRP A 55 -10.07 10.27 -46.35
N PRO A 56 -11.07 10.87 -47.04
CA PRO A 56 -12.34 11.18 -46.36
C PRO A 56 -13.05 9.95 -45.79
N GLN A 57 -13.05 8.84 -46.53
CA GLN A 57 -13.67 7.57 -46.11
C GLN A 57 -12.94 6.98 -44.93
N LEU A 58 -11.59 7.13 -44.90
CA LEU A 58 -10.72 6.72 -43.82
C LEU A 58 -11.02 7.57 -42.58
N ALA A 59 -11.12 8.91 -42.76
CA ALA A 59 -11.47 9.83 -41.67
C ALA A 59 -12.80 9.43 -41.05
N ALA A 60 -13.82 9.19 -41.90
CA ALA A 60 -15.19 8.82 -41.48
C ALA A 60 -15.15 7.53 -40.67
N ALA A 61 -14.37 6.52 -41.15
CA ALA A 61 -14.19 5.25 -40.45
C ALA A 61 -13.54 5.47 -39.08
N LEU A 62 -12.62 6.44 -38.97
CA LEU A 62 -11.93 6.75 -37.71
C LEU A 62 -12.71 7.79 -36.85
N GLY A 63 -13.87 8.23 -37.35
CA GLY A 63 -14.73 9.20 -36.68
C GLY A 63 -14.11 10.58 -36.53
N GLN A 64 -13.25 10.97 -37.50
CA GLN A 64 -12.55 12.25 -37.51
C GLN A 64 -13.14 13.15 -38.56
N ASP A 65 -13.12 14.49 -38.33
CA ASP A 65 -13.62 15.44 -39.33
C ASP A 65 -12.68 15.35 -40.55
N THR A 66 -13.23 15.36 -41.77
CA THR A 66 -12.42 15.23 -42.98
C THR A 66 -11.26 16.21 -43.07
N LYS A 67 -11.51 17.49 -42.76
CA LYS A 67 -10.52 18.56 -42.89
C LYS A 67 -9.42 18.47 -41.87
N LEU A 68 -9.77 18.20 -40.60
CA LEU A 68 -8.81 18.02 -39.52
C LEU A 68 -7.91 16.82 -39.84
N PHE A 69 -8.51 15.72 -40.34
CA PHE A 69 -7.75 14.52 -40.74
C PHE A 69 -6.75 14.83 -41.87
N ALA A 70 -7.22 15.48 -42.96
CA ALA A 70 -6.38 15.87 -44.10
C ALA A 70 -5.24 16.81 -43.63
N ASP A 71 -5.55 17.79 -42.75
CA ASP A 71 -4.56 18.70 -42.17
C ASP A 71 -3.53 17.92 -41.36
N ARG A 72 -3.97 16.93 -40.58
CA ARG A 72 -3.12 16.06 -39.77
C ARG A 72 -2.11 15.28 -40.62
N ILE A 73 -2.54 14.77 -41.79
CA ILE A 73 -1.66 14.02 -42.68
C ILE A 73 -0.61 14.93 -43.32
N GLU A 74 -1.00 16.17 -43.65
CA GLU A 74 -0.10 17.17 -44.24
C GLU A 74 0.93 17.67 -43.21
N GLN A 75 0.51 17.86 -41.95
CA GLN A 75 1.39 18.33 -40.86
C GLN A 75 2.46 17.28 -40.47
N ASN A 76 2.14 15.99 -40.67
CA ASN A 76 3.01 14.85 -40.38
C ASN A 76 3.57 14.19 -41.67
N ALA A 77 3.59 14.93 -42.80
CA ALA A 77 4.05 14.48 -44.12
C ALA A 77 5.50 13.98 -44.19
N GLU A 78 6.36 14.42 -43.25
CA GLU A 78 7.77 14.00 -43.23
C GLU A 78 8.00 12.77 -42.35
N ARG A 79 6.94 12.31 -41.66
CA ARG A 79 6.99 11.13 -40.80
C ARG A 79 6.61 9.87 -41.60
N GLU A 80 7.03 8.69 -41.10
CA GLU A 80 6.74 7.40 -41.74
C GLU A 80 5.83 6.58 -40.84
N PHE A 81 5.50 7.14 -39.68
CA PHE A 81 4.64 6.49 -38.70
C PHE A 81 3.86 7.53 -37.93
N ILE A 82 2.55 7.28 -37.77
CA ILE A 82 1.63 8.02 -36.92
C ILE A 82 0.59 7.02 -36.39
N TYR A 83 0.11 7.22 -35.18
CA TYR A 83 -0.95 6.36 -34.65
C TYR A 83 -2.28 6.93 -35.19
N LEU A 84 -3.18 6.03 -35.63
CA LEU A 84 -4.51 6.47 -36.08
C LEU A 84 -5.48 6.29 -34.93
N VAL A 85 -5.52 5.06 -34.36
CA VAL A 85 -6.35 4.69 -33.21
C VAL A 85 -5.74 3.48 -32.50
N ARG A 86 -5.74 3.50 -31.16
CA ARG A 86 -5.19 2.42 -30.34
C ARG A 86 -6.27 1.78 -29.48
N GLY A 87 -6.13 0.47 -29.25
CA GLY A 87 -7.05 -0.27 -28.39
C GLY A 87 -8.35 -0.75 -28.99
N LEU A 88 -8.38 -1.02 -30.30
CA LEU A 88 -9.58 -1.54 -30.94
C LEU A 88 -9.65 -3.08 -30.82
N THR A 89 -10.79 -3.65 -31.25
CA THR A 89 -11.00 -5.09 -31.31
C THR A 89 -10.54 -5.53 -32.72
N PRO A 90 -10.10 -6.79 -32.97
CA PRO A 90 -9.69 -7.17 -34.34
C PRO A 90 -10.76 -6.87 -35.39
N GLU A 91 -12.05 -7.14 -35.06
CA GLU A 91 -13.24 -6.90 -35.87
C GLU A 91 -13.33 -5.42 -36.31
N GLN A 92 -13.06 -4.49 -35.37
CA GLN A 92 -13.06 -3.04 -35.59
C GLN A 92 -11.92 -2.61 -36.52
N GLY A 93 -10.72 -3.18 -36.30
CA GLY A 93 -9.52 -2.92 -37.09
C GLY A 93 -9.65 -3.39 -38.53
N GLU A 94 -10.27 -4.59 -38.72
CA GLU A 94 -10.53 -5.22 -40.01
C GLU A 94 -11.48 -4.40 -40.90
N GLY A 95 -12.36 -3.61 -40.26
CA GLY A 95 -13.30 -2.72 -40.94
C GLY A 95 -12.60 -1.54 -41.60
N VAL A 96 -11.55 -1.02 -40.93
CA VAL A 96 -10.72 0.09 -41.42
C VAL A 96 -9.79 -0.49 -42.50
N ILE A 97 -9.21 -1.69 -42.25
CA ILE A 97 -8.35 -2.41 -43.19
C ILE A 97 -9.14 -2.81 -44.46
N ALA A 98 -10.48 -3.07 -44.36
CA ALA A 98 -11.35 -3.41 -45.50
C ALA A 98 -11.52 -2.27 -46.52
N LEU A 99 -11.12 -1.04 -46.14
CA LEU A 99 -11.14 0.10 -47.06
C LEU A 99 -9.91 -0.04 -47.98
N LYS A 100 -8.89 -0.85 -47.58
CA LYS A 100 -7.66 -1.14 -48.36
C LYS A 100 -6.90 0.16 -48.74
N VAL A 101 -6.79 1.08 -47.79
CA VAL A 101 -6.13 2.37 -48.05
C VAL A 101 -4.61 2.14 -48.06
N PRO A 102 -3.89 2.54 -49.14
CA PRO A 102 -2.42 2.40 -49.16
C PRO A 102 -1.79 3.24 -48.03
N GLY A 103 -0.94 2.59 -47.25
CA GLY A 103 -0.26 3.21 -46.12
C GLY A 103 -0.94 3.09 -44.78
N VAL A 104 -2.05 2.32 -44.69
CA VAL A 104 -2.78 2.08 -43.44
C VAL A 104 -2.52 0.61 -43.01
N TYR A 105 -2.21 0.39 -41.72
CA TYR A 105 -1.85 -0.92 -41.16
C TYR A 105 -2.50 -1.22 -39.84
N SER A 106 -2.76 -2.51 -39.58
CA SER A 106 -3.27 -2.93 -38.29
C SER A 106 -2.15 -3.71 -37.62
N ILE A 107 -2.11 -3.66 -36.29
CA ILE A 107 -1.10 -4.33 -35.48
C ILE A 107 -1.75 -4.84 -34.19
N GLU A 108 -1.35 -6.01 -33.71
CA GLU A 108 -1.80 -6.50 -32.41
C GLU A 108 -0.70 -6.09 -31.45
N GLU A 109 -1.03 -5.19 -30.51
CA GLU A 109 -0.09 -4.64 -29.51
C GLU A 109 -0.52 -5.18 -28.13
N PHE A 110 0.42 -5.23 -27.17
CA PHE A 110 0.07 -5.66 -25.83
C PHE A 110 -0.23 -4.48 -24.94
N ARG A 111 -1.30 -4.55 -24.18
CA ARG A 111 -1.71 -3.46 -23.32
C ARG A 111 -2.20 -4.09 -22.03
N ARG A 112 -1.88 -3.46 -20.90
CA ARG A 112 -2.31 -3.98 -19.59
C ARG A 112 -3.78 -3.83 -19.33
N PHE A 113 -4.37 -4.86 -18.69
CA PHE A 113 -5.73 -4.85 -18.14
C PHE A 113 -5.58 -5.28 -16.67
N TYR A 114 -6.32 -4.62 -15.78
CA TYR A 114 -6.26 -4.84 -14.33
C TYR A 114 -7.61 -5.43 -13.87
N PRO A 115 -7.69 -6.77 -13.84
CA PRO A 115 -8.99 -7.42 -13.55
C PRO A 115 -9.67 -7.05 -12.23
N ALA A 116 -8.89 -6.68 -11.20
CA ALA A 116 -9.49 -6.28 -9.91
C ALA A 116 -9.66 -4.75 -9.79
N GLY A 117 -9.27 -4.02 -10.83
CA GLY A 117 -9.46 -2.57 -10.90
C GLY A 117 -9.04 -1.80 -9.67
N GLU A 118 -9.97 -0.98 -9.15
CA GLU A 118 -9.76 -0.12 -7.98
C GLU A 118 -9.33 -0.84 -6.71
N VAL A 119 -9.67 -2.13 -6.59
CA VAL A 119 -9.41 -2.93 -5.37
C VAL A 119 -7.92 -3.07 -5.01
N VAL A 120 -7.02 -3.17 -6.02
CA VAL A 120 -5.58 -3.33 -5.76
C VAL A 120 -4.77 -2.27 -6.55
N ALA A 121 -5.42 -1.16 -6.96
CA ALA A 121 -4.78 -0.12 -7.76
C ALA A 121 -3.54 0.48 -7.13
N HIS A 122 -3.60 0.80 -5.83
CA HIS A 122 -2.44 1.42 -5.17
C HIS A 122 -1.22 0.50 -5.06
N ALA A 123 -1.46 -0.77 -4.78
CA ALA A 123 -0.37 -1.74 -4.69
C ALA A 123 0.21 -2.04 -6.08
N VAL A 124 -0.65 -2.43 -7.02
CA VAL A 124 -0.20 -2.85 -8.37
C VAL A 124 0.38 -1.68 -9.17
N GLY A 125 -0.29 -0.52 -9.11
CA GLY A 125 0.06 0.65 -9.89
C GLY A 125 -0.36 0.44 -11.34
N PHE A 126 0.43 0.99 -12.29
CA PHE A 126 0.04 0.84 -13.71
C PHE A 126 1.18 1.09 -14.71
N THR A 127 0.94 0.74 -16.00
CA THR A 127 1.90 1.00 -17.08
C THR A 127 1.44 2.25 -17.85
N ASP A 128 2.37 2.90 -18.56
CA ASP A 128 1.96 4.04 -19.40
C ASP A 128 1.46 3.53 -20.74
N VAL A 129 1.17 4.45 -21.70
CA VAL A 129 0.70 4.11 -23.04
C VAL A 129 1.72 3.22 -23.80
N ASP A 130 3.03 3.36 -23.49
CA ASP A 130 4.14 2.58 -24.07
C ASP A 130 4.41 1.22 -23.38
N ASP A 131 3.54 0.83 -22.42
CA ASP A 131 3.62 -0.45 -21.70
C ASP A 131 4.79 -0.52 -20.67
N ARG A 132 5.30 0.64 -20.26
CA ARG A 132 6.38 0.68 -19.25
C ARG A 132 5.77 0.96 -17.87
N GLY A 133 6.30 0.33 -16.83
CA GLY A 133 5.86 0.57 -15.45
C GLY A 133 5.98 2.04 -15.08
N ARG A 134 4.86 2.63 -14.63
CA ARG A 134 4.78 4.04 -14.27
C ARG A 134 4.55 4.29 -12.79
N GLU A 135 3.83 3.38 -12.09
CA GLU A 135 3.51 3.50 -10.66
C GLU A 135 3.45 2.15 -9.98
N GLY A 136 3.48 2.15 -8.65
CA GLY A 136 3.37 0.95 -7.83
C GLY A 136 4.34 -0.16 -8.18
N ILE A 137 3.89 -1.41 -8.04
CA ILE A 137 4.67 -2.60 -8.32
C ILE A 137 5.11 -2.64 -9.80
N GLU A 138 4.25 -2.14 -10.71
CA GLU A 138 4.54 -2.07 -12.13
C GLU A 138 5.84 -1.33 -12.35
N LEU A 139 6.04 -0.23 -11.60
CA LEU A 139 7.29 0.56 -11.68
C LEU A 139 8.42 -0.13 -10.89
N ALA A 140 8.19 -0.46 -9.60
CA ALA A 140 9.17 -1.09 -8.73
C ALA A 140 9.81 -2.35 -9.31
N PHE A 141 9.04 -3.18 -10.06
CA PHE A 141 9.55 -4.43 -10.62
C PHE A 141 9.58 -4.39 -12.12
N ASP A 142 9.75 -3.18 -12.69
CA ASP A 142 9.71 -3.02 -14.13
C ASP A 142 10.70 -3.87 -14.89
N GLU A 143 11.96 -3.96 -14.42
CA GLU A 143 12.99 -4.78 -15.07
C GLU A 143 12.55 -6.25 -15.14
N TRP A 144 12.09 -6.80 -14.02
CA TRP A 144 11.63 -8.19 -13.95
C TRP A 144 10.45 -8.43 -14.96
N LEU A 145 9.49 -7.51 -14.97
CA LEU A 145 8.26 -7.65 -15.76
C LEU A 145 8.41 -7.36 -17.24
N ALA A 146 9.30 -6.43 -17.59
CA ALA A 146 9.41 -5.96 -18.98
C ALA A 146 9.98 -6.96 -20.01
N GLY A 147 10.93 -7.80 -19.64
CA GLY A 147 11.57 -8.69 -20.62
C GLY A 147 12.55 -7.93 -21.50
N VAL A 148 12.97 -8.50 -22.65
CA VAL A 148 13.92 -7.79 -23.52
C VAL A 148 13.42 -7.80 -24.97
N PRO A 149 13.28 -6.63 -25.62
CA PRO A 149 12.81 -6.64 -27.02
C PRO A 149 13.78 -7.39 -27.95
N GLY A 150 13.23 -7.94 -29.01
CA GLY A 150 14.01 -8.60 -30.03
C GLY A 150 14.39 -7.65 -31.16
N LYS A 151 14.98 -8.18 -32.23
CA LYS A 151 15.40 -7.38 -33.39
C LYS A 151 15.10 -8.17 -34.65
N ARG A 152 14.55 -7.49 -35.68
CA ARG A 152 14.14 -8.03 -36.99
C ARG A 152 14.90 -7.27 -38.08
N GLN A 153 15.34 -7.96 -39.13
CA GLN A 153 15.99 -7.30 -40.27
C GLN A 153 14.93 -7.17 -41.37
N VAL A 154 14.84 -5.98 -41.98
CA VAL A 154 13.85 -5.65 -43.00
C VAL A 154 14.43 -4.86 -44.19
N LEU A 155 13.75 -4.91 -45.34
CA LEU A 155 14.13 -4.09 -46.51
C LEU A 155 12.99 -3.07 -46.62
N LYS A 156 13.29 -1.78 -46.55
CA LYS A 156 12.28 -0.72 -46.66
C LYS A 156 12.42 0.07 -47.94
N ASP A 157 11.28 0.43 -48.58
CA ASP A 157 11.33 1.24 -49.79
C ASP A 157 11.67 2.70 -49.44
N ARG A 158 11.61 3.65 -50.42
CA ARG A 158 11.93 5.07 -50.18
C ARG A 158 10.97 5.77 -49.23
N ARG A 159 9.73 5.26 -49.13
CA ARG A 159 8.70 5.80 -48.23
C ARG A 159 8.80 5.21 -46.81
N GLY A 160 9.63 4.18 -46.65
CA GLY A 160 9.80 3.51 -45.37
C GLY A 160 8.87 2.32 -45.20
N ARG A 161 8.19 1.93 -46.30
CA ARG A 161 7.30 0.77 -46.29
C ARG A 161 8.14 -0.49 -46.32
N VAL A 162 7.83 -1.43 -45.43
CA VAL A 162 8.49 -2.74 -45.33
C VAL A 162 8.17 -3.56 -46.61
N ILE A 163 9.18 -3.76 -47.49
CA ILE A 163 9.07 -4.53 -48.75
C ILE A 163 9.22 -6.02 -48.47
N LYS A 164 10.21 -6.39 -47.61
CA LYS A 164 10.44 -7.79 -47.27
C LYS A 164 10.97 -7.98 -45.84
N ASP A 165 10.56 -9.08 -45.22
CA ASP A 165 11.00 -9.50 -43.90
C ASP A 165 12.12 -10.47 -44.18
N VAL A 166 13.38 -10.04 -44.01
CA VAL A 166 14.51 -10.89 -44.36
C VAL A 166 14.73 -11.98 -43.30
N GLN A 167 14.97 -11.60 -42.03
CA GLN A 167 15.23 -12.55 -40.94
C GLN A 167 15.14 -11.89 -39.56
N VAL A 168 15.00 -12.72 -38.52
CA VAL A 168 15.01 -12.26 -37.14
C VAL A 168 16.48 -12.39 -36.70
N THR A 169 17.08 -11.29 -36.18
CA THR A 169 18.48 -11.34 -35.73
C THR A 169 18.55 -11.70 -34.24
N LYS A 170 17.53 -11.29 -33.45
CA LYS A 170 17.45 -11.53 -32.01
C LYS A 170 15.98 -11.75 -31.62
N ASN A 171 15.66 -12.92 -31.05
CA ASN A 171 14.28 -13.17 -30.64
C ASN A 171 14.00 -12.39 -29.37
N ALA A 172 12.75 -11.94 -29.21
CA ALA A 172 12.31 -11.24 -28.01
C ALA A 172 12.26 -12.22 -26.84
N LYS A 173 12.52 -11.72 -25.63
CA LYS A 173 12.45 -12.55 -24.44
C LYS A 173 11.29 -12.04 -23.61
N PRO A 174 10.26 -12.86 -23.32
CA PRO A 174 9.12 -12.35 -22.54
C PRO A 174 9.51 -11.99 -21.11
N GLY A 175 8.80 -11.04 -20.52
CA GLY A 175 8.94 -10.63 -19.13
C GLY A 175 8.57 -11.76 -18.21
N LYS A 176 8.87 -11.64 -16.91
CA LYS A 176 8.64 -12.75 -16.00
C LYS A 176 7.41 -12.56 -15.13
N THR A 177 6.73 -13.68 -14.78
CA THR A 177 5.56 -13.64 -13.90
C THR A 177 6.01 -13.20 -12.52
N LEU A 178 5.17 -12.41 -11.85
CA LEU A 178 5.41 -11.91 -10.50
C LEU A 178 4.21 -12.24 -9.63
N ALA A 179 4.42 -13.03 -8.56
CA ALA A 179 3.34 -13.34 -7.63
C ALA A 179 3.51 -12.44 -6.40
N LEU A 180 2.54 -11.58 -6.17
CA LEU A 180 2.56 -10.69 -5.00
C LEU A 180 2.27 -11.44 -3.71
N SER A 181 2.58 -10.79 -2.56
CA SER A 181 2.26 -11.36 -1.24
C SER A 181 0.76 -11.18 -0.95
N ILE A 182 0.12 -10.19 -1.65
CA ILE A 182 -1.31 -9.92 -1.51
C ILE A 182 -2.16 -11.16 -1.69
N ASP A 183 -3.12 -11.33 -0.76
CA ASP A 183 -4.15 -12.36 -0.86
C ASP A 183 -5.40 -11.60 -1.32
N LEU A 184 -5.78 -11.79 -2.59
CA LEU A 184 -6.88 -11.02 -3.18
C LEU A 184 -8.20 -11.11 -2.39
N ARG A 185 -8.47 -12.28 -1.75
CA ARG A 185 -9.65 -12.49 -0.91
C ARG A 185 -9.61 -11.54 0.27
N LEU A 186 -8.44 -11.40 0.96
CA LEU A 186 -8.30 -10.45 2.09
C LEU A 186 -8.34 -9.02 1.57
N GLN A 187 -7.72 -8.78 0.41
CA GLN A 187 -7.67 -7.45 -0.21
C GLN A 187 -9.09 -6.94 -0.47
N TYR A 188 -9.98 -7.81 -1.01
CA TYR A 188 -11.37 -7.42 -1.32
C TYR A 188 -12.11 -7.09 -0.03
N LEU A 189 -11.92 -7.95 1.00
CA LEU A 189 -12.54 -7.76 2.31
C LEU A 189 -12.12 -6.42 2.90
N ALA A 190 -10.79 -6.18 2.97
CA ALA A 190 -10.22 -4.95 3.53
C ALA A 190 -10.72 -3.73 2.76
N HIS A 191 -10.68 -3.78 1.40
CA HIS A 191 -11.17 -2.70 0.52
C HIS A 191 -12.62 -2.32 0.85
N ARG A 192 -13.51 -3.32 0.95
CA ARG A 192 -14.95 -3.11 1.21
C ARG A 192 -15.20 -2.48 2.58
N GLU A 193 -14.53 -3.02 3.63
CA GLU A 193 -14.73 -2.52 4.98
C GLU A 193 -14.15 -1.14 5.20
N LEU A 194 -12.99 -0.85 4.60
CA LEU A 194 -12.40 0.49 4.69
C LEU A 194 -13.36 1.49 3.99
N ARG A 195 -13.83 1.14 2.77
CA ARG A 195 -14.82 1.97 2.05
C ARG A 195 -16.05 2.27 2.94
N ASN A 196 -16.67 1.22 3.53
CA ASN A 196 -17.84 1.34 4.40
C ASN A 196 -17.59 2.25 5.59
N ALA A 197 -16.41 2.12 6.23
CA ALA A 197 -16.03 2.93 7.39
C ALA A 197 -15.88 4.41 7.00
N LEU A 198 -15.37 4.70 5.79
CA LEU A 198 -15.24 6.07 5.31
C LEU A 198 -16.62 6.70 5.19
N LEU A 199 -17.62 5.91 4.73
CA LEU A 199 -19.02 6.37 4.58
C LEU A 199 -19.66 6.60 5.95
N GLU A 200 -19.57 5.60 6.85
CA GLU A 200 -20.12 5.67 8.19
C GLU A 200 -19.62 6.87 8.97
N ASN A 201 -18.33 7.20 8.79
CA ASN A 201 -17.69 8.30 9.51
C ASN A 201 -17.54 9.60 8.72
N GLY A 202 -17.99 9.65 7.47
CA GLY A 202 -17.84 10.82 6.61
C GLY A 202 -16.40 11.27 6.53
N ALA A 203 -15.47 10.30 6.51
CA ALA A 203 -14.05 10.57 6.53
C ALA A 203 -13.51 10.92 5.17
N LYS A 204 -12.36 11.62 5.16
CA LYS A 204 -11.70 12.09 3.96
C LYS A 204 -10.89 10.97 3.27
N ALA A 205 -10.17 10.16 4.06
CA ALA A 205 -9.28 9.15 3.50
C ALA A 205 -9.02 8.06 4.54
N GLY A 206 -8.31 7.02 4.13
CA GLY A 206 -8.01 5.92 5.05
C GLY A 206 -7.06 4.92 4.45
N SER A 207 -6.48 4.05 5.31
CA SER A 207 -5.59 2.97 4.88
C SER A 207 -5.82 1.78 5.77
N LEU A 208 -5.63 0.59 5.22
CA LEU A 208 -5.72 -0.65 5.97
C LEU A 208 -4.64 -1.60 5.46
N VAL A 209 -3.78 -2.04 6.37
CA VAL A 209 -2.69 -2.95 6.04
C VAL A 209 -2.88 -4.21 6.85
N ILE A 210 -2.71 -5.38 6.21
CA ILE A 210 -2.72 -6.69 6.88
C ILE A 210 -1.38 -7.35 6.61
N MET A 211 -0.74 -7.88 7.65
CA MET A 211 0.55 -8.54 7.50
C MET A 211 0.55 -9.92 8.11
N ASP A 212 1.30 -10.83 7.50
CA ASP A 212 1.53 -12.16 8.08
C ASP A 212 2.70 -11.98 9.05
N VAL A 213 2.48 -12.20 10.36
CA VAL A 213 3.54 -11.93 11.34
C VAL A 213 4.69 -12.92 11.28
N LYS A 214 4.46 -14.10 10.67
CA LYS A 214 5.46 -15.17 10.59
C LYS A 214 6.33 -15.10 9.36
N THR A 215 5.85 -14.46 8.27
CA THR A 215 6.57 -14.46 7.01
C THR A 215 7.00 -13.08 6.51
N GLY A 216 6.51 -12.01 7.16
CA GLY A 216 6.77 -10.63 6.74
C GLY A 216 5.98 -10.18 5.51
N GLU A 217 5.08 -11.04 4.97
CA GLU A 217 4.27 -10.75 3.78
C GLU A 217 3.16 -9.73 4.05
N ILE A 218 3.00 -8.78 3.11
CA ILE A 218 1.88 -7.82 3.09
C ILE A 218 0.71 -8.55 2.42
N LEU A 219 -0.25 -9.01 3.21
CA LEU A 219 -1.40 -9.76 2.72
C LEU A 219 -2.47 -8.88 2.11
N ALA A 220 -2.55 -7.64 2.60
CA ALA A 220 -3.50 -6.67 2.06
C ALA A 220 -2.97 -5.28 2.34
N MET A 221 -3.20 -4.36 1.39
CA MET A 221 -2.81 -2.99 1.53
C MET A 221 -3.81 -2.19 0.68
N THR A 222 -4.75 -1.53 1.36
CA THR A 222 -5.80 -0.76 0.66
C THR A 222 -5.85 0.67 1.17
N ASN A 223 -6.34 1.58 0.31
CA ASN A 223 -6.48 2.97 0.74
C ASN A 223 -7.74 3.55 0.13
N GLN A 224 -8.24 4.59 0.73
CA GLN A 224 -9.34 5.40 0.20
C GLN A 224 -8.85 6.84 0.24
N PRO A 225 -9.16 7.64 -0.80
CA PRO A 225 -9.87 7.26 -2.03
C PRO A 225 -9.01 6.41 -2.94
N THR A 226 -9.63 5.73 -3.90
CA THR A 226 -8.94 4.91 -4.90
C THR A 226 -9.38 5.31 -6.31
N TYR A 227 -8.93 4.56 -7.29
CA TYR A 227 -9.24 4.91 -8.70
C TYR A 227 -9.27 3.63 -9.52
N ASN A 228 -9.89 3.70 -10.71
CA ASN A 228 -9.94 2.57 -11.63
C ASN A 228 -8.71 2.72 -12.57
N PRO A 229 -7.67 1.83 -12.46
CA PRO A 229 -6.50 1.96 -13.32
C PRO A 229 -6.77 1.65 -14.80
N ASN A 230 -7.93 1.07 -15.09
CA ASN A 230 -8.34 0.73 -16.46
C ASN A 230 -8.94 1.94 -17.16
N ASN A 231 -9.32 2.96 -16.41
CA ASN A 231 -9.93 4.17 -16.99
C ASN A 231 -9.42 5.37 -16.20
N ARG A 232 -8.15 5.75 -16.45
CA ARG A 232 -7.50 6.84 -15.72
C ARG A 232 -7.83 8.26 -16.26
N ARG A 233 -8.91 8.39 -17.06
CA ARG A 233 -9.36 9.69 -17.58
C ARG A 233 -9.84 10.57 -16.43
N ASN A 234 -9.08 11.65 -16.14
CA ASN A 234 -9.29 12.60 -15.03
C ASN A 234 -9.46 11.87 -13.66
N LEU A 235 -8.39 11.37 -12.97
CA LEU A 235 -6.92 11.45 -13.05
C LEU A 235 -6.46 12.20 -11.79
N GLN A 236 -7.36 12.21 -10.76
CA GLN A 236 -7.26 12.85 -9.45
C GLN A 236 -5.97 12.46 -8.72
N PRO A 237 -5.12 13.44 -8.33
CA PRO A 237 -3.85 13.09 -7.65
C PRO A 237 -4.03 12.45 -6.28
N ALA A 238 -5.01 12.95 -5.49
CA ALA A 238 -5.34 12.47 -4.16
C ALA A 238 -5.77 10.99 -4.20
N ALA A 239 -6.51 10.60 -5.25
CA ALA A 239 -7.02 9.24 -5.41
C ALA A 239 -5.94 8.22 -5.78
N MET A 240 -4.81 8.65 -6.36
CA MET A 240 -3.78 7.72 -6.82
C MET A 240 -2.70 7.40 -5.77
N ARG A 241 -2.73 8.11 -4.64
CA ARG A 241 -1.72 7.94 -3.59
C ARG A 241 -1.82 6.60 -2.84
N ASN A 242 -0.73 5.80 -2.80
CA ASN A 242 -0.71 4.59 -1.96
C ASN A 242 -0.36 5.12 -0.55
N ARG A 243 -1.36 5.69 0.12
CA ARG A 243 -1.23 6.36 1.42
C ARG A 243 -0.52 5.49 2.47
N ALA A 244 -0.79 4.17 2.46
CA ALA A 244 -0.20 3.22 3.43
C ALA A 244 1.34 3.25 3.41
N MET A 245 1.90 3.65 2.26
CA MET A 245 3.34 3.71 2.08
C MET A 245 3.89 5.10 1.89
N ILE A 246 3.11 6.05 1.33
CA ILE A 246 3.66 7.36 0.93
C ILE A 246 3.17 8.53 1.81
N ASP A 247 2.21 8.27 2.71
CA ASP A 247 1.72 9.26 3.65
C ASP A 247 2.33 8.95 5.03
N VAL A 248 2.71 9.99 5.75
CA VAL A 248 3.25 9.83 7.12
C VAL A 248 2.22 10.42 8.10
N PHE A 249 2.20 9.92 9.34
CA PHE A 249 1.28 10.44 10.37
C PHE A 249 1.85 10.24 11.75
N GLU A 250 1.35 11.01 12.73
CA GLU A 250 1.74 10.79 14.12
C GLU A 250 0.94 9.61 14.66
N PRO A 251 1.64 8.55 15.12
CA PRO A 251 0.93 7.33 15.56
C PRO A 251 0.25 7.48 16.92
N GLY A 252 0.68 8.48 17.69
CA GLY A 252 0.08 8.73 18.99
C GLY A 252 0.08 7.51 19.90
N SER A 253 -1.07 7.25 20.54
CA SER A 253 -1.21 6.21 21.57
C SER A 253 -0.94 4.78 21.10
N THR A 254 -0.91 4.53 19.75
CA THR A 254 -0.56 3.20 19.24
C THR A 254 0.92 2.83 19.49
N VAL A 255 1.80 3.80 19.86
CA VAL A 255 3.20 3.42 20.17
C VAL A 255 3.42 3.16 21.65
N LYS A 256 2.39 3.39 22.50
CA LYS A 256 2.52 3.11 23.94
C LYS A 256 2.98 1.66 24.25
N PRO A 257 2.59 0.60 23.48
CA PRO A 257 3.14 -0.75 23.77
C PRO A 257 4.65 -0.83 23.59
N PHE A 258 5.25 0.04 22.73
CA PHE A 258 6.71 0.04 22.56
C PHE A 258 7.38 0.75 23.71
N SER A 259 6.78 1.84 24.21
CA SER A 259 7.26 2.50 25.44
C SER A 259 7.16 1.48 26.61
N MET A 260 6.05 0.68 26.65
CA MET A 260 5.86 -0.32 27.71
C MET A 260 6.93 -1.42 27.60
N SER A 261 7.26 -1.85 26.35
CA SER A 261 8.30 -2.87 26.13
C SER A 261 9.61 -2.38 26.75
N ALA A 262 9.96 -1.08 26.53
CA ALA A 262 11.20 -0.52 27.10
C ALA A 262 11.14 -0.54 28.64
N ALA A 263 9.97 -0.20 29.19
CA ALA A 263 9.73 -0.20 30.61
C ALA A 263 9.96 -1.59 31.22
N LEU A 264 9.41 -2.63 30.60
CA LEU A 264 9.54 -3.99 31.12
C LEU A 264 10.95 -4.55 30.93
N ALA A 265 11.66 -4.13 29.89
CA ALA A 265 13.01 -4.60 29.61
C ALA A 265 14.06 -3.88 30.49
N SER A 266 13.69 -2.76 31.11
CA SER A 266 14.60 -1.95 31.95
C SER A 266 14.98 -2.63 33.25
N GLY A 267 14.16 -3.58 33.72
CA GLY A 267 14.32 -4.25 35.01
C GLY A 267 13.67 -3.48 36.16
N ARG A 268 13.08 -2.31 35.86
CA ARG A 268 12.48 -1.45 36.88
C ARG A 268 10.95 -1.51 36.97
N TRP A 269 10.30 -2.17 36.00
CA TRP A 269 8.85 -2.20 35.95
C TRP A 269 8.30 -3.59 35.73
N LYS A 270 7.18 -3.88 36.41
CA LYS A 270 6.38 -5.10 36.23
C LYS A 270 4.94 -4.67 35.94
N PRO A 271 4.08 -5.46 35.24
CA PRO A 271 2.74 -4.99 34.90
C PRO A 271 1.89 -4.56 36.08
N SER A 272 2.09 -5.18 37.26
CA SER A 272 1.31 -4.85 38.45
C SER A 272 1.83 -3.60 39.21
N ASP A 273 2.97 -2.99 38.76
CA ASP A 273 3.45 -1.75 39.39
C ASP A 273 2.42 -0.66 39.12
N ILE A 274 2.36 0.32 40.00
CA ILE A 274 1.37 1.39 39.96
C ILE A 274 2.00 2.73 39.69
N VAL A 275 1.28 3.60 38.97
CA VAL A 275 1.69 4.97 38.69
C VAL A 275 0.53 5.84 39.12
N ASP A 276 0.79 6.96 39.80
CA ASP A 276 -0.27 7.87 40.18
C ASP A 276 -0.42 8.89 39.06
N VAL A 277 -1.60 8.91 38.39
CA VAL A 277 -1.86 9.83 37.26
C VAL A 277 -2.77 11.00 37.66
N TYR A 278 -3.15 11.12 38.94
CA TYR A 278 -3.99 12.23 39.37
C TYR A 278 -3.23 13.59 39.20
N PRO A 279 -3.89 14.67 38.78
CA PRO A 279 -5.31 14.82 38.45
C PRO A 279 -5.67 14.67 36.96
N GLY A 280 -4.91 13.85 36.24
CA GLY A 280 -5.16 13.63 34.81
C GLY A 280 -4.42 14.61 33.90
N THR A 281 -3.54 15.42 34.50
CA THR A 281 -2.67 16.36 33.79
C THR A 281 -1.31 16.41 34.50
N LEU A 282 -0.26 16.85 33.77
CA LEU A 282 1.07 16.93 34.36
C LEU A 282 1.80 18.09 33.70
N GLN A 283 2.13 19.11 34.48
CA GLN A 283 2.83 20.28 33.96
C GLN A 283 4.35 20.01 33.93
N ILE A 284 4.99 20.31 32.79
CA ILE A 284 6.45 20.24 32.61
C ILE A 284 6.83 21.59 31.97
N GLY A 285 7.07 22.57 32.83
CA GLY A 285 7.36 23.94 32.44
C GLY A 285 6.14 24.59 31.83
N ARG A 286 6.23 24.97 30.54
CA ARG A 286 5.14 25.60 29.78
C ARG A 286 4.24 24.57 29.07
N TYR A 287 4.67 23.29 29.05
CA TYR A 287 3.91 22.21 28.40
C TYR A 287 3.08 21.44 29.45
N THR A 288 1.88 21.02 29.05
CA THR A 288 0.99 20.24 29.93
C THR A 288 0.66 18.93 29.24
N ILE A 289 0.96 17.81 29.91
CA ILE A 289 0.60 16.49 29.40
C ILE A 289 -0.86 16.30 29.86
N ARG A 290 -1.77 15.91 28.96
CA ARG A 290 -3.19 15.78 29.30
C ARG A 290 -3.76 14.43 28.95
N ASP A 291 -4.52 13.85 29.90
CA ASP A 291 -5.23 12.59 29.66
C ASP A 291 -6.65 12.92 29.16
N VAL A 292 -7.31 11.96 28.48
CA VAL A 292 -8.68 12.19 28.01
C VAL A 292 -9.69 12.08 29.17
N SER A 293 -9.63 10.97 29.91
CA SER A 293 -10.49 10.82 31.06
C SER A 293 -9.58 11.17 32.21
N ARG A 294 -10.04 12.00 33.09
CA ARG A 294 -9.16 12.49 34.16
C ARG A 294 -9.74 12.20 35.54
N ASN A 295 -10.26 10.99 35.74
CA ASN A 295 -10.80 10.55 37.02
C ASN A 295 -10.05 9.35 37.55
N SER A 296 -8.73 9.34 37.39
CA SER A 296 -7.91 8.29 37.95
C SER A 296 -6.84 8.85 38.88
N ARG A 297 -6.36 7.98 39.76
CA ARG A 297 -5.21 8.24 40.61
C ARG A 297 -4.23 7.08 40.36
N GLN A 298 -4.29 5.98 41.12
CA GLN A 298 -3.39 4.85 40.88
C GLN A 298 -3.91 4.00 39.74
N LEU A 299 -3.03 3.75 38.79
CA LEU A 299 -3.27 2.84 37.66
C LEU A 299 -2.10 1.88 37.56
N ASP A 300 -2.39 0.60 37.29
CA ASP A 300 -1.28 -0.31 37.03
C ASP A 300 -0.87 -0.16 35.56
N LEU A 301 0.22 -0.84 35.13
CA LEU A 301 0.74 -0.66 33.76
C LEU A 301 -0.26 -1.08 32.70
N THR A 302 -1.01 -2.18 32.95
CA THR A 302 -2.08 -2.57 32.04
C THR A 302 -3.16 -1.50 31.98
N GLY A 303 -3.50 -0.93 33.15
CA GLY A 303 -4.46 0.15 33.26
C GLY A 303 -4.07 1.38 32.45
N ILE A 304 -2.77 1.70 32.44
CA ILE A 304 -2.27 2.85 31.69
C ILE A 304 -2.59 2.66 30.20
N LEU A 305 -2.47 1.43 29.71
CA LEU A 305 -2.79 1.15 28.28
C LEU A 305 -4.29 1.13 28.09
N ILE A 306 -5.06 0.45 29.00
CA ILE A 306 -6.53 0.40 28.91
C ILE A 306 -7.15 1.77 28.87
N LYS A 307 -6.74 2.66 29.80
CA LYS A 307 -7.22 4.02 29.94
C LYS A 307 -6.49 5.02 29.00
N SER A 308 -5.46 4.55 28.28
CA SER A 308 -4.61 5.33 27.39
C SER A 308 -4.15 6.62 28.12
N SER A 309 -3.49 6.44 29.24
CA SER A 309 -3.03 7.59 30.02
C SER A 309 -1.67 8.10 29.54
N ASN A 310 -1.69 9.31 28.95
CA ASN A 310 -0.49 10.05 28.54
C ASN A 310 0.34 10.36 29.76
N VAL A 311 -0.30 10.77 30.86
CA VAL A 311 0.42 11.08 32.11
C VAL A 311 1.15 9.84 32.62
N GLY A 312 0.47 8.69 32.66
CA GLY A 312 1.05 7.42 33.10
C GLY A 312 2.27 7.00 32.31
N ILE A 313 2.15 6.98 30.97
CA ILE A 313 3.28 6.56 30.14
C ILE A 313 4.44 7.57 30.24
N SER A 314 4.13 8.86 30.40
CA SER A 314 5.14 9.92 30.56
C SER A 314 5.97 9.70 31.85
N LYS A 315 5.31 9.39 32.98
CA LYS A 315 6.02 9.16 34.25
C LYS A 315 6.91 7.92 34.16
N ILE A 316 6.44 6.89 33.45
CA ILE A 316 7.27 5.69 33.21
C ILE A 316 8.50 6.10 32.36
N ALA A 317 8.28 6.91 31.30
CA ALA A 317 9.36 7.39 30.41
C ALA A 317 10.37 8.22 31.18
N PHE A 318 9.94 9.06 32.14
CA PHE A 318 10.94 9.83 32.91
C PHE A 318 11.82 8.89 33.72
N ASP A 319 11.23 7.82 34.26
CA ASP A 319 11.96 6.86 35.07
C ASP A 319 12.99 6.07 34.27
N ILE A 320 12.61 5.55 33.11
CA ILE A 320 13.50 4.70 32.32
C ILE A 320 14.40 5.46 31.36
N GLY A 321 14.01 6.69 31.04
CA GLY A 321 14.73 7.53 30.08
C GLY A 321 14.30 7.28 28.64
N ALA A 322 14.22 8.36 27.86
CA ALA A 322 13.82 8.32 26.46
C ALA A 322 14.73 7.46 25.59
N GLU A 323 16.05 7.35 25.91
CA GLU A 323 16.97 6.54 25.07
C GLU A 323 16.48 5.10 24.87
N SER A 324 16.03 4.47 25.99
CA SER A 324 15.51 3.11 25.97
C SER A 324 14.26 3.00 25.07
N ILE A 325 13.38 4.01 25.10
CA ILE A 325 12.15 4.04 24.29
C ILE A 325 12.46 4.23 22.81
N TYR A 326 13.32 5.20 22.50
CA TYR A 326 13.78 5.50 21.15
C TYR A 326 14.38 4.23 20.52
N SER A 327 15.20 3.49 21.29
CA SER A 327 15.83 2.26 20.81
C SER A 327 14.82 1.18 20.45
N VAL A 328 13.79 0.96 21.28
CA VAL A 328 12.74 -0.02 20.92
C VAL A 328 12.05 0.41 19.63
N MET A 329 11.64 1.69 19.55
CA MET A 329 10.91 2.20 18.38
C MET A 329 11.76 2.10 17.11
N GLN A 330 13.06 2.39 17.22
CA GLN A 330 13.98 2.27 16.09
C GLN A 330 14.13 0.80 15.69
N GLN A 331 14.28 -0.12 16.67
CA GLN A 331 14.46 -1.54 16.38
CA GLN A 331 14.44 -1.55 16.41
C GLN A 331 13.24 -2.19 15.71
N VAL A 332 12.02 -1.75 16.06
CA VAL A 332 10.79 -2.28 15.45
C VAL A 332 10.49 -1.62 14.08
N GLY A 333 11.29 -0.62 13.71
CA GLY A 333 11.23 0.02 12.40
C GLY A 333 10.44 1.29 12.24
N LEU A 334 10.00 1.91 13.34
CA LEU A 334 9.26 3.17 13.26
C LEU A 334 10.17 4.27 12.79
N GLY A 335 9.76 4.94 11.71
CA GLY A 335 10.60 5.99 11.15
C GLY A 335 11.90 5.50 10.54
N GLN A 336 11.97 4.21 10.19
CA GLN A 336 13.15 3.58 9.60
C GLN A 336 12.80 3.03 8.21
N ASP A 337 13.81 2.92 7.35
CA ASP A 337 13.64 2.40 6.00
C ASP A 337 13.20 0.93 6.06
N THR A 338 12.09 0.58 5.34
CA THR A 338 11.55 -0.80 5.29
C THR A 338 12.39 -1.69 4.36
N GLY A 339 13.13 -1.05 3.46
CA GLY A 339 13.93 -1.72 2.43
C GLY A 339 13.12 -2.14 1.21
N LEU A 340 11.79 -1.91 1.23
CA LEU A 340 10.90 -2.33 0.15
C LEU A 340 11.14 -1.64 -1.21
N GLY A 341 11.49 -0.36 -1.20
CA GLY A 341 11.75 0.39 -2.44
C GLY A 341 10.51 0.63 -3.28
N PHE A 342 9.36 0.83 -2.63
CA PHE A 342 8.14 1.11 -3.38
C PHE A 342 8.26 2.57 -3.82
N PRO A 343 7.85 2.94 -5.05
CA PRO A 343 7.99 4.34 -5.46
C PRO A 343 7.30 5.34 -4.55
N GLY A 344 8.05 6.33 -4.12
CA GLY A 344 7.52 7.39 -3.26
C GLY A 344 7.38 6.97 -1.81
N GLU A 345 7.80 5.73 -1.44
CA GLU A 345 7.69 5.27 -0.06
C GLU A 345 8.43 6.20 0.89
N ARG A 346 7.78 6.56 1.99
CA ARG A 346 8.38 7.45 3.01
C ARG A 346 9.04 6.69 4.17
N VAL A 347 10.10 7.29 4.74
CA VAL A 347 10.83 6.74 5.87
C VAL A 347 10.19 7.28 7.17
N GLY A 348 9.63 8.48 7.11
CA GLY A 348 9.06 9.11 8.30
C GLY A 348 10.17 9.68 9.17
N ASN A 349 9.91 9.85 10.49
CA ASN A 349 10.91 10.44 11.36
C ASN A 349 10.69 10.12 12.80
N LEU A 350 11.74 9.59 13.41
CA LEU A 350 11.77 9.28 14.83
C LEU A 350 12.80 10.28 15.33
N PRO A 351 12.35 11.35 16.02
CA PRO A 351 13.30 12.40 16.44
C PRO A 351 14.33 11.87 17.42
N ASN A 352 15.51 12.47 17.40
CA ASN A 352 16.57 12.07 18.31
C ASN A 352 17.22 13.30 18.91
N HIS A 353 17.86 13.11 20.06
CA HIS A 353 18.52 14.17 20.81
C HIS A 353 19.76 13.58 21.42
N ARG A 354 20.77 14.41 21.71
CA ARG A 354 21.96 13.94 22.39
C ARG A 354 21.53 13.74 23.85
N LYS A 355 20.86 14.76 24.43
CA LYS A 355 20.27 14.78 25.77
C LYS A 355 18.77 15.00 25.58
N TRP A 356 17.96 14.05 26.04
CA TRP A 356 16.52 14.17 25.90
C TRP A 356 15.90 15.06 26.97
N PRO A 357 15.29 16.20 26.60
CA PRO A 357 14.60 16.99 27.62
C PRO A 357 13.32 16.28 28.07
N LYS A 358 12.78 16.67 29.21
CA LYS A 358 11.58 16.10 29.81
C LYS A 358 10.34 16.15 28.90
N ALA A 359 10.04 17.30 28.27
CA ALA A 359 8.85 17.37 27.41
C ALA A 359 8.97 16.40 26.22
N GLU A 360 10.18 16.33 25.60
CA GLU A 360 10.43 15.44 24.46
C GLU A 360 10.43 13.97 24.85
N THR A 361 10.86 13.65 26.09
CA THR A 361 10.82 12.27 26.61
C THR A 361 9.33 11.82 26.66
N ALA A 362 8.46 12.69 27.22
CA ALA A 362 7.02 12.38 27.34
C ALA A 362 6.33 12.21 25.99
N THR A 363 6.50 13.19 25.07
CA THR A 363 5.84 13.16 23.78
C THR A 363 6.28 11.96 22.93
N LEU A 364 7.57 11.57 23.02
CA LEU A 364 8.06 10.37 22.33
C LEU A 364 7.27 9.16 22.85
N ALA A 365 7.16 9.04 24.19
CA ALA A 365 6.49 7.91 24.84
C ALA A 365 5.04 7.73 24.41
N TYR A 366 4.33 8.84 24.09
CA TYR A 366 2.95 8.69 23.66
C TYR A 366 2.75 9.03 22.16
N GLY A 367 3.81 8.93 21.37
CA GLY A 367 3.71 9.04 19.93
C GLY A 367 3.35 10.39 19.33
N TYR A 368 3.70 11.46 20.04
CA TYR A 368 3.47 12.82 19.57
C TYR A 368 4.79 13.33 18.97
N GLY A 369 4.70 13.97 17.79
CA GLY A 369 5.88 14.54 17.15
C GLY A 369 6.76 13.56 16.41
N LEU A 370 6.30 12.30 16.23
CA LEU A 370 7.05 11.36 15.42
C LEU A 370 6.16 11.00 14.26
N SER A 371 6.74 10.63 13.12
CA SER A 371 5.93 10.33 11.95
C SER A 371 6.30 9.00 11.39
N VAL A 372 5.29 8.21 11.10
CA VAL A 372 5.43 6.84 10.60
C VAL A 372 4.43 6.61 9.46
N THR A 373 4.62 5.51 8.73
CA THR A 373 3.66 5.09 7.72
C THR A 373 2.84 3.92 8.29
N ALA A 374 1.66 3.65 7.68
CA ALA A 374 0.82 2.54 8.09
C ALA A 374 1.58 1.21 7.95
N ILE A 375 2.41 1.06 6.88
CA ILE A 375 3.22 -0.17 6.70
C ILE A 375 4.21 -0.30 7.89
N GLN A 376 4.86 0.82 8.27
CA GLN A 376 5.77 0.76 9.41
C GLN A 376 5.04 0.33 10.68
N LEU A 377 3.91 0.95 10.95
CA LEU A 377 3.19 0.63 12.19
C LEU A 377 2.75 -0.84 12.20
N ALA A 378 2.26 -1.37 11.06
CA ALA A 378 1.85 -2.77 10.99
C ALA A 378 3.07 -3.68 11.19
N HIS A 379 4.23 -3.32 10.59
CA HIS A 379 5.45 -4.14 10.73
C HIS A 379 5.93 -4.20 12.19
N ALA A 380 5.79 -3.06 12.92
CA ALA A 380 6.17 -2.98 14.33
C ALA A 380 5.26 -3.89 15.17
N TYR A 381 3.94 -3.88 14.92
CA TYR A 381 3.00 -4.76 15.62
C TYR A 381 3.25 -6.22 15.25
N ALA A 382 3.67 -6.49 13.98
CA ALA A 382 3.98 -7.85 13.57
C ALA A 382 5.14 -8.40 14.41
N ALA A 383 6.17 -7.56 14.64
CA ALA A 383 7.34 -7.97 15.43
C ALA A 383 6.90 -8.29 16.85
N LEU A 384 6.06 -7.42 17.45
CA LEU A 384 5.54 -7.64 18.77
C LEU A 384 4.72 -8.95 18.85
N ALA A 385 3.85 -9.18 17.86
CA ALA A 385 2.99 -10.38 17.77
C ALA A 385 3.83 -11.68 17.59
N ASN A 386 4.91 -11.59 16.80
CA ASN A 386 5.79 -12.72 16.48
C ASN A 386 6.84 -12.93 17.60
N ASP A 387 6.40 -12.82 18.85
CA ASP A 387 7.23 -12.96 20.05
C ASP A 387 8.53 -12.13 19.99
N GLY A 388 8.39 -10.90 19.49
CA GLY A 388 9.49 -9.94 19.40
C GLY A 388 10.44 -10.07 18.24
N LYS A 389 10.20 -11.03 17.33
CA LYS A 389 11.07 -11.27 16.19
C LYS A 389 10.50 -10.60 14.94
N SER A 390 11.31 -9.74 14.29
CA SER A 390 10.86 -9.00 13.11
C SER A 390 11.35 -9.73 11.87
N VAL A 391 10.38 -10.24 11.06
CA VAL A 391 10.69 -10.92 9.80
C VAL A 391 10.70 -9.82 8.71
N PRO A 392 11.74 -9.74 7.84
CA PRO A 392 11.76 -8.67 6.81
C PRO A 392 10.48 -8.57 5.98
N LEU A 393 10.08 -7.33 5.62
CA LEU A 393 8.86 -7.13 4.83
C LEU A 393 9.00 -7.65 3.42
N SER A 394 7.88 -8.08 2.84
CA SER A 394 7.85 -8.50 1.44
C SER A 394 6.52 -8.14 0.79
N MET A 395 6.62 -7.65 -0.45
CA MET A 395 5.44 -7.34 -1.27
CA MET A 395 5.49 -7.30 -1.33
C MET A 395 5.26 -8.49 -2.29
N THR A 396 6.15 -9.48 -2.26
CA THR A 396 6.07 -10.65 -3.13
C THR A 396 5.84 -11.91 -2.29
N ARG A 397 5.25 -12.94 -2.91
CA ARG A 397 5.00 -14.22 -2.21
C ARG A 397 6.30 -14.79 -1.69
N VAL A 398 6.31 -15.15 -0.40
CA VAL A 398 7.49 -15.68 0.28
C VAL A 398 7.33 -17.19 0.42
N ASP A 399 8.20 -17.95 -0.23
CA ASP A 399 8.25 -19.41 -0.20
C ASP A 399 9.29 -19.81 0.83
N ARG A 400 10.48 -19.17 0.79
CA ARG A 400 11.56 -19.46 1.75
C ARG A 400 11.62 -18.23 2.67
N VAL A 401 11.19 -18.39 3.90
CA VAL A 401 11.13 -17.27 4.84
C VAL A 401 12.53 -16.86 5.31
N PRO A 402 12.93 -15.58 5.11
CA PRO A 402 14.25 -15.15 5.57
C PRO A 402 14.30 -15.13 7.10
N ASP A 403 15.52 -15.22 7.66
CA ASP A 403 15.72 -15.19 9.09
C ASP A 403 15.27 -13.81 9.61
N GLY A 404 14.58 -13.82 10.73
CA GLY A 404 14.11 -12.63 11.40
C GLY A 404 15.16 -12.11 12.36
N VAL A 405 14.93 -10.93 12.93
CA VAL A 405 15.87 -10.35 13.90
C VAL A 405 15.10 -10.21 15.21
N GLN A 406 15.67 -10.68 16.32
CA GLN A 406 15.01 -10.54 17.61
C GLN A 406 15.16 -9.06 18.04
N VAL A 407 14.05 -8.29 18.02
CA VAL A 407 14.10 -6.85 18.32
C VAL A 407 13.59 -6.52 19.72
N ILE A 408 12.74 -7.38 20.31
CA ILE A 408 12.23 -7.27 21.70
C ILE A 408 12.43 -8.66 22.23
N SER A 409 12.79 -8.80 23.50
CA SER A 409 13.04 -10.13 24.04
C SER A 409 11.73 -10.92 24.06
N PRO A 410 11.76 -12.23 23.79
CA PRO A 410 10.50 -13.00 23.75
C PRO A 410 9.63 -12.87 25.01
N GLU A 411 10.24 -12.85 26.24
CA GLU A 411 9.46 -12.72 27.48
C GLU A 411 8.75 -11.35 27.51
N VAL A 412 9.47 -10.28 27.19
CA VAL A 412 8.89 -8.94 27.20
C VAL A 412 7.77 -8.86 26.15
N ALA A 413 8.03 -9.39 24.94
CA ALA A 413 7.00 -9.34 23.88
C ALA A 413 5.75 -10.10 24.32
N SER A 414 5.92 -11.27 24.98
CA SER A 414 4.83 -12.11 25.46
C SER A 414 4.04 -11.35 26.54
N THR A 415 4.74 -10.63 27.45
CA THR A 415 4.04 -9.87 28.48
C THR A 415 3.19 -8.72 27.86
N VAL A 416 3.80 -7.96 26.92
CA VAL A 416 3.12 -6.85 26.23
C VAL A 416 1.92 -7.37 25.43
N GLN A 417 2.07 -8.53 24.74
CA GLN A 417 0.96 -9.19 24.04
C GLN A 417 -0.24 -9.43 25.01
N GLY A 418 0.02 -9.94 26.21
CA GLY A 418 -1.03 -10.18 27.21
C GLY A 418 -1.72 -8.89 27.64
N MET A 419 -0.92 -7.81 27.78
CA MET A 419 -1.43 -6.48 28.16
C MET A 419 -2.36 -5.96 27.08
N LEU A 420 -1.97 -6.15 25.80
CA LEU A 420 -2.77 -5.73 24.67
C LEU A 420 -4.03 -6.54 24.48
N GLN A 421 -4.03 -7.79 24.94
CA GLN A 421 -5.26 -8.60 24.89
C GLN A 421 -6.23 -8.01 25.92
N GLN A 422 -5.67 -7.60 27.06
CA GLN A 422 -6.47 -6.94 28.11
C GLN A 422 -7.01 -5.63 27.65
N VAL A 423 -6.25 -4.85 26.84
CA VAL A 423 -6.76 -3.58 26.32
C VAL A 423 -8.05 -3.85 25.56
N VAL A 424 -8.09 -4.93 24.80
CA VAL A 424 -9.25 -5.29 24.01
C VAL A 424 -10.39 -5.94 24.83
N GLU A 425 -10.03 -6.86 25.74
CA GLU A 425 -11.01 -7.69 26.47
C GLU A 425 -11.42 -7.28 27.87
N ALA A 426 -10.59 -6.49 28.56
CA ALA A 426 -10.85 -6.10 29.97
C ALA A 426 -12.03 -5.15 30.09
N GLN A 427 -12.59 -5.06 31.33
CA GLN A 427 -13.68 -4.12 31.57
C GLN A 427 -13.10 -2.73 31.37
N GLY A 428 -13.83 -1.89 30.65
CA GLY A 428 -13.40 -0.54 30.33
C GLY A 428 -12.48 -0.48 29.12
N GLY A 429 -12.23 -1.63 28.49
CA GLY A 429 -11.35 -1.75 27.32
C GLY A 429 -11.98 -1.40 25.99
N VAL A 430 -11.22 -1.58 24.90
CA VAL A 430 -11.63 -1.22 23.53
C VAL A 430 -12.47 -2.41 23.00
N PHE A 431 -13.69 -2.59 23.57
CA PHE A 431 -14.53 -3.74 23.29
C PHE A 431 -14.89 -3.90 21.81
N ARG A 432 -14.96 -2.78 21.05
CA ARG A 432 -15.31 -2.83 19.63
C ARG A 432 -14.27 -3.54 18.78
N ALA A 433 -13.05 -3.76 19.30
CA ALA A 433 -12.00 -4.48 18.55
C ALA A 433 -12.10 -6.00 18.73
N GLN A 434 -13.00 -6.45 19.65
CA GLN A 434 -13.16 -7.88 19.89
C GLN A 434 -13.51 -8.60 18.62
N VAL A 435 -12.86 -9.72 18.37
CA VAL A 435 -13.08 -10.51 17.17
C VAL A 435 -13.90 -11.75 17.57
N PRO A 436 -15.14 -11.91 17.05
CA PRO A 436 -15.93 -13.10 17.43
C PRO A 436 -15.21 -14.43 17.18
N GLY A 437 -15.12 -15.24 18.21
CA GLY A 437 -14.50 -16.57 18.19
C GLY A 437 -13.03 -16.61 18.49
N TYR A 438 -12.38 -15.43 18.60
CA TYR A 438 -10.93 -15.34 18.84
C TYR A 438 -10.58 -14.39 19.94
N HIS A 439 -9.36 -14.53 20.46
CA HIS A 439 -8.81 -13.59 21.41
C HIS A 439 -8.02 -12.64 20.50
N ALA A 440 -8.20 -11.33 20.66
CA ALA A 440 -7.47 -10.34 19.85
C ALA A 440 -6.76 -9.38 20.81
N ALA A 441 -5.75 -8.69 20.30
CA ALA A 441 -4.96 -7.76 21.11
C ALA A 441 -4.63 -6.55 20.26
N GLY A 442 -4.57 -5.40 20.89
CA GLY A 442 -4.24 -4.20 20.14
C GLY A 442 -4.41 -2.93 20.93
N LYS A 443 -4.22 -1.80 20.25
CA LYS A 443 -4.32 -0.50 20.90
C LYS A 443 -4.82 0.51 19.92
N SER A 444 -5.77 1.32 20.35
CA SER A 444 -6.25 2.39 19.48
C SER A 444 -5.49 3.69 19.74
N GLY A 445 -5.67 4.64 18.85
CA GLY A 445 -5.06 5.94 18.96
C GLY A 445 -5.94 6.98 18.30
N THR A 446 -5.80 8.21 18.76
CA THR A 446 -6.53 9.36 18.22
C THR A 446 -5.53 10.50 18.21
N ALA A 447 -5.24 11.03 17.01
CA ALA A 447 -4.29 12.13 16.89
C ALA A 447 -4.98 13.38 16.39
N ARG A 448 -4.78 14.51 17.07
CA ARG A 448 -5.34 15.81 16.67
C ARG A 448 -4.35 16.36 15.69
N LYS A 449 -4.77 16.60 14.43
CA LYS A 449 -3.85 17.12 13.40
C LYS A 449 -4.03 18.62 13.22
N ASN A 460 -9.78 19.97 16.56
CA ASN A 460 -10.42 20.38 15.31
C ASN A 460 -10.48 19.24 14.26
N ALA A 461 -9.30 18.78 13.72
CA ALA A 461 -9.21 17.67 12.73
C ALA A 461 -8.52 16.46 13.35
N TYR A 462 -9.02 15.22 13.09
CA TYR A 462 -8.41 14.05 13.76
C TYR A 462 -8.02 12.93 12.83
N ARG A 463 -7.10 12.05 13.29
CA ARG A 463 -6.77 10.81 12.60
C ARG A 463 -7.10 9.71 13.61
N SER A 464 -7.93 8.72 13.21
CA SER A 464 -8.36 7.64 14.10
C SER A 464 -7.60 6.37 13.77
N LEU A 465 -7.00 5.73 14.79
CA LEU A 465 -6.16 4.56 14.58
C LEU A 465 -6.52 3.38 15.39
N PHE A 466 -6.22 2.21 14.84
CA PHE A 466 -6.21 0.95 15.58
C PHE A 466 -5.12 0.07 15.02
N ALA A 467 -4.31 -0.52 15.91
CA ALA A 467 -3.27 -1.45 15.49
C ALA A 467 -3.36 -2.67 16.38
N GLY A 468 -3.31 -3.85 15.78
CA GLY A 468 -3.41 -5.03 16.61
C GLY A 468 -3.10 -6.31 15.87
N PHE A 469 -3.31 -7.42 16.56
CA PHE A 469 -3.00 -8.74 16.00
C PHE A 469 -3.89 -9.82 16.59
N ALA A 470 -3.90 -10.97 15.95
CA ALA A 470 -4.70 -12.09 16.41
C ALA A 470 -4.27 -13.36 15.71
N PRO A 471 -4.65 -14.55 16.23
CA PRO A 471 -5.32 -14.80 17.53
C PRO A 471 -4.30 -14.56 18.63
N ALA A 472 -4.70 -13.97 19.77
CA ALA A 472 -3.70 -13.68 20.80
C ALA A 472 -2.93 -14.91 21.32
N THR A 473 -3.56 -16.09 21.39
CA THR A 473 -2.84 -17.27 21.92
C THR A 473 -1.73 -17.79 20.98
N ASP A 474 -1.85 -17.55 19.66
CA ASP A 474 -0.83 -17.95 18.67
C ASP A 474 -0.93 -16.98 17.47
N PRO A 475 -0.37 -15.76 17.59
CA PRO A 475 -0.62 -14.73 16.56
C PRO A 475 -0.24 -15.10 15.15
N ARG A 476 -1.09 -14.70 14.23
CA ARG A 476 -0.90 -15.00 12.82
C ARG A 476 -0.91 -13.72 11.98
N ILE A 477 -1.81 -12.78 12.28
CA ILE A 477 -1.98 -11.61 11.45
C ILE A 477 -1.87 -10.32 12.26
N ALA A 478 -1.16 -9.31 11.72
CA ALA A 478 -1.13 -7.97 12.34
C ALA A 478 -1.91 -7.05 11.39
N MET A 479 -2.60 -6.05 11.94
CA MET A 479 -3.44 -5.17 11.12
C MET A 479 -3.40 -3.75 11.64
N VAL A 480 -3.41 -2.78 10.72
CA VAL A 480 -3.45 -1.37 11.08
C VAL A 480 -4.61 -0.75 10.30
N VAL A 481 -5.49 -0.02 10.98
CA VAL A 481 -6.60 0.73 10.38
C VAL A 481 -6.36 2.21 10.70
N VAL A 482 -6.34 3.05 9.64
CA VAL A 482 -6.15 4.49 9.75
C VAL A 482 -7.37 5.12 9.06
N ILE A 483 -8.09 5.96 9.80
CA ILE A 483 -9.23 6.69 9.25
C ILE A 483 -8.92 8.17 9.41
N ASP A 484 -8.78 8.87 8.27
CA ASP A 484 -8.39 10.26 8.26
C ASP A 484 -9.58 11.20 8.22
N GLU A 485 -9.65 12.07 9.22
CA GLU A 485 -10.65 13.13 9.39
C GLU A 485 -12.12 12.62 9.40
N PRO A 486 -12.46 11.72 10.36
CA PRO A 486 -13.88 11.35 10.54
C PRO A 486 -14.63 12.63 10.89
N SER A 487 -15.78 12.83 10.29
CA SER A 487 -16.53 14.08 10.43
C SER A 487 -17.78 14.02 11.30
N LYS A 488 -18.13 12.84 11.84
CA LYS A 488 -19.27 12.71 12.75
C LYS A 488 -18.80 12.93 14.18
N ALA A 489 -19.74 12.99 15.16
CA ALA A 489 -19.41 13.24 16.57
C ALA A 489 -18.32 12.31 17.10
N GLY A 490 -18.30 11.06 16.61
CA GLY A 490 -17.32 10.07 17.00
C GLY A 490 -16.01 10.20 16.28
N TYR A 491 -14.90 10.36 17.02
CA TYR A 491 -13.62 10.48 16.32
C TYR A 491 -12.53 9.62 16.95
N PHE A 492 -12.74 9.16 18.18
CA PHE A 492 -11.72 8.36 18.87
C PHE A 492 -11.45 7.05 18.13
N GLY A 493 -10.18 6.67 18.09
CA GLY A 493 -9.78 5.43 17.43
C GLY A 493 -10.49 4.18 17.92
N GLY A 494 -10.78 4.13 19.23
CA GLY A 494 -11.50 2.99 19.80
C GLY A 494 -12.94 2.90 19.35
N LEU A 495 -13.50 4.03 18.90
CA LEU A 495 -14.87 4.04 18.39
C LEU A 495 -14.86 3.87 16.86
N VAL A 496 -13.97 4.58 16.15
CA VAL A 496 -13.95 4.67 14.69
C VAL A 496 -13.22 3.52 14.00
N SER A 497 -11.96 3.27 14.42
CA SER A 497 -11.12 2.29 13.76
C SER A 497 -11.21 0.86 14.35
N ALA A 498 -11.45 0.71 15.65
CA ALA A 498 -11.55 -0.61 16.29
C ALA A 498 -12.61 -1.52 15.64
N PRO A 499 -13.84 -1.06 15.30
CA PRO A 499 -14.80 -1.99 14.69
C PRO A 499 -14.36 -2.46 13.29
N VAL A 500 -13.54 -1.66 12.59
CA VAL A 500 -13.07 -2.03 11.26
C VAL A 500 -12.05 -3.18 11.44
N PHE A 501 -11.18 -3.03 12.42
CA PHE A 501 -10.23 -4.10 12.78
C PHE A 501 -11.02 -5.38 13.10
N SER A 502 -12.07 -5.29 13.94
CA SER A 502 -12.88 -6.47 14.27
C SER A 502 -13.41 -7.22 13.02
N LYS A 503 -14.09 -6.51 12.11
CA LYS A 503 -14.71 -7.12 10.93
C LYS A 503 -13.66 -7.73 10.00
N VAL A 504 -12.61 -6.97 9.69
CA VAL A 504 -11.57 -7.40 8.75
C VAL A 504 -10.74 -8.56 9.36
N MET A 505 -10.39 -8.47 10.65
CA MET A 505 -9.64 -9.56 11.30
C MET A 505 -10.50 -10.86 11.34
N ALA A 506 -11.78 -10.76 11.71
CA ALA A 506 -12.67 -11.94 11.73
C ALA A 506 -12.70 -12.60 10.32
N GLY A 507 -12.90 -11.78 9.28
CA GLY A 507 -12.90 -12.28 7.90
C GLY A 507 -11.59 -12.89 7.46
N ALA A 508 -10.45 -12.21 7.76
CA ALA A 508 -9.12 -12.67 7.35
C ALA A 508 -8.78 -14.01 8.03
N LEU A 509 -9.07 -14.12 9.34
CA LEU A 509 -8.82 -15.37 10.08
C LEU A 509 -9.64 -16.52 9.50
N ARG A 510 -10.91 -16.28 9.16
CA ARG A 510 -11.78 -17.30 8.57
C ARG A 510 -11.26 -17.72 7.17
N LEU A 511 -10.88 -16.75 6.30
CA LEU A 511 -10.34 -17.05 4.97
C LEU A 511 -9.05 -17.86 5.02
N MET A 512 -8.24 -17.63 6.06
CA MET A 512 -6.98 -18.32 6.27
C MET A 512 -7.11 -19.58 7.10
N ASN A 513 -8.37 -19.99 7.41
CA ASN A 513 -8.66 -21.22 8.17
C ASN A 513 -7.88 -21.30 9.50
N VAL A 514 -7.82 -20.16 10.19
CA VAL A 514 -7.14 -20.06 11.47
C VAL A 514 -8.10 -20.61 12.50
N PRO A 515 -7.69 -21.63 13.29
CA PRO A 515 -8.62 -22.19 14.28
C PRO A 515 -9.03 -21.16 15.34
N PRO A 516 -10.35 -21.02 15.62
CA PRO A 516 -10.78 -20.13 16.71
C PRO A 516 -10.10 -20.53 18.04
N ASP A 517 -9.62 -19.53 18.82
CA ASP A 517 -8.93 -19.76 20.10
C ASP A 517 -9.71 -19.28 21.32
N ASN A 518 -10.91 -18.73 21.13
CA ASN A 518 -11.69 -18.22 22.25
C ASN A 518 -12.79 -19.24 22.51
N LEU A 519 -12.41 -20.34 23.16
CA LEU A 519 -13.23 -21.51 23.43
C LEU A 519 -13.70 -21.58 24.88
#